data_2KGP
#
_entry.id   2KGP
#
loop_
_entity.id
_entity.type
_entity.pdbx_description
1 polymer 'RNA (25-MER)'
2 non-polymer 1,4-DIHYDROXY-5,8-BIS({2-[(2-HYDROXYETHYL)AMINO]ETHYL}AMINO)-9,10-ANTHRACENEDIONE
#
_entity_poly.entity_id   1
_entity_poly.type   'polyribonucleotide'
_entity_poly.pdbx_seq_one_letter_code
;GGCAGUGUGAGUACCUUCACACGUC
;
_entity_poly.pdbx_strand_id   A
#